data_2HRZ
#
_entry.id   2HRZ
#
_cell.length_a   112.893
_cell.length_b   112.893
_cell.length_c   52.765
_cell.angle_alpha   90.00
_cell.angle_beta   90.00
_cell.angle_gamma   120.00
#
_symmetry.space_group_name_H-M   'P 31 2 1'
#
loop_
_entity.id
_entity.type
_entity.pdbx_description
1 polymer 'Nucleoside-diphosphate-sugar epimerase'
2 water water
#
_entity_poly.entity_id   1
_entity_poly.type   'polypeptide(L)'
_entity_poly.pdbx_seq_one_letter_code
;HHHSSGRENLYFQG(MSE)HIAIIGAAG(MSE)VGRKLTQRLVKDGSLGGKPVEKFTLIDVFQPEAPAGFSGAVDARAAD
LSAPGEAEKLVEARPDVIFHLAAIVSGEAELDFDKGYRINLDGTRYLFDAIRIANGKDGYKPRVVFTSSIAVFGAPLPYP
IPDEFHTTPLTSYGTQKAICELLLSDYSRRGFFDGIGIRLPTICIRPGKPNAAASGFFSNILREPLVGQEAVLPVPESIR
HWHASPRSAVGFLIHGA(MSE)IDVEKVGPRRNLS(MSE)PGLSATVGEQIEALRKVAGEKAVALIRREPNE(MSE)I
(MSE)R(MSE)CEGWAPGFEAKRARELGFTAESSFEEIIQVHIEDELGGSLK
;
_entity_poly.pdbx_strand_id   A
#
# COMPACT_ATOMS: atom_id res chain seq x y z
N HIS A 1 -38.33 25.32 6.60
CA HIS A 1 -38.14 26.61 5.83
C HIS A 1 -38.27 26.40 4.31
N HIS A 2 -38.30 27.49 3.55
CA HIS A 2 -38.58 27.43 2.11
C HIS A 2 -37.49 28.07 1.26
N HIS A 3 -36.89 29.14 1.78
CA HIS A 3 -35.89 29.91 1.05
C HIS A 3 -34.48 29.37 1.20
N SER A 4 -33.82 29.15 0.06
CA SER A 4 -32.40 28.85 0.01
C SER A 4 -31.73 29.91 -0.87
N SER A 5 -30.47 30.25 -0.55
CA SER A 5 -29.75 31.28 -1.30
C SER A 5 -28.54 30.72 -2.05
N GLY A 6 -28.36 29.41 -1.99
CA GLY A 6 -27.26 28.73 -2.70
C GLY A 6 -27.14 27.30 -2.20
N ARG A 7 -26.03 26.63 -2.56
CA ARG A 7 -25.76 25.27 -2.08
C ARG A 7 -25.80 25.18 -0.55
N GLU A 8 -26.39 24.09 -0.04
CA GLU A 8 -26.61 23.90 1.39
C GLU A 8 -25.94 22.66 1.99
N ASN A 9 -25.85 21.57 1.23
CA ASN A 9 -25.33 20.31 1.80
C ASN A 9 -23.81 20.26 1.90
N LEU A 10 -23.30 19.94 3.08
CA LEU A 10 -21.87 19.61 3.25
C LEU A 10 -21.50 18.43 2.37
N TYR A 11 -22.41 17.47 2.28
CA TYR A 11 -22.11 16.14 1.70
C TYR A 11 -22.92 15.81 0.46
N PHE A 12 -22.31 15.05 -0.44
CA PHE A 12 -23.03 14.46 -1.56
C PHE A 12 -23.71 13.18 -1.06
N GLN A 13 -24.25 12.36 -1.97
CA GLN A 13 -24.81 11.09 -1.57
C GLN A 13 -23.69 10.23 -1.00
N GLY A 14 -24.04 9.29 -0.13
CA GLY A 14 -23.06 8.45 0.52
C GLY A 14 -22.42 7.50 -0.47
N HIS A 16 -20.13 3.68 -1.07
CA HIS A 16 -19.81 2.32 -0.64
C HIS A 16 -18.36 2.06 -1.06
N ILE A 17 -17.53 1.81 -0.06
CA ILE A 17 -16.11 1.49 -0.28
C ILE A 17 -15.89 -0.02 -0.07
N ALA A 18 -15.19 -0.66 -1.02
CA ALA A 18 -14.76 -2.05 -0.82
C ALA A 18 -13.25 -2.10 -0.62
N ILE A 19 -12.80 -2.91 0.33
CA ILE A 19 -11.37 -3.11 0.53
C ILE A 19 -11.11 -4.59 0.45
N ILE A 20 -10.31 -4.98 -0.54
CA ILE A 20 -9.86 -6.36 -0.72
C ILE A 20 -8.44 -6.44 -0.10
N GLY A 21 -8.24 -7.41 0.77
CA GLY A 21 -7.03 -7.46 1.60
C GLY A 21 -7.22 -6.63 2.85
N ALA A 22 -8.47 -6.49 3.27
CA ALA A 22 -8.84 -5.67 4.41
C ALA A 22 -8.22 -6.05 5.77
N ALA A 23 -7.76 -7.30 5.92
CA ALA A 23 -7.25 -7.77 7.23
C ALA A 23 -5.75 -7.61 7.35
N GLY A 24 -5.10 -7.23 6.25
CA GLY A 24 -3.67 -6.92 6.27
C GLY A 24 -3.40 -5.63 7.03
N VAL A 26 -1.98 -2.82 6.06
CA VAL A 26 -2.36 -1.62 5.31
C VAL A 26 -3.89 -1.46 5.23
N GLY A 27 -4.58 -2.55 4.92
CA GLY A 27 -6.04 -2.56 4.84
C GLY A 27 -6.74 -2.15 6.12
N ARG A 28 -6.27 -2.66 7.26
CA ARG A 28 -6.87 -2.29 8.56
C ARG A 28 -6.67 -0.83 8.88
N LYS A 29 -5.43 -0.34 8.70
CA LYS A 29 -5.15 1.09 8.88
C LYS A 29 -5.92 1.98 7.91
N LEU A 30 -6.06 1.55 6.65
CA LEU A 30 -6.93 2.27 5.71
C LEU A 30 -8.38 2.34 6.21
N THR A 31 -8.91 1.20 6.66
CA THR A 31 -10.28 1.16 7.16
C THR A 31 -10.46 2.13 8.33
N GLN A 32 -9.50 2.08 9.26
CA GLN A 32 -9.54 2.93 10.44
C GLN A 32 -9.50 4.43 10.11
N ARG A 33 -8.66 4.80 9.15
CA ARG A 33 -8.54 6.18 8.71
C ARG A 33 -9.86 6.67 8.07
N LEU A 34 -10.47 5.83 7.24
CA LEU A 34 -11.73 6.17 6.57
C LEU A 34 -12.86 6.35 7.58
N VAL A 35 -12.90 5.49 8.59
CA VAL A 35 -13.87 5.62 9.69
C VAL A 35 -13.67 6.94 10.43
N LYS A 36 -12.42 7.24 10.79
CA LYS A 36 -12.07 8.48 11.50
C LYS A 36 -12.42 9.76 10.72
N ASP A 37 -12.11 9.76 9.42
CA ASP A 37 -12.39 10.88 8.53
C ASP A 37 -13.90 11.01 8.26
N GLY A 38 -14.61 9.88 8.26
CA GLY A 38 -16.05 9.87 8.08
C GLY A 38 -16.53 9.92 6.65
N SER A 39 -15.73 10.51 5.77
CA SER A 39 -16.12 10.70 4.38
C SER A 39 -14.88 10.60 3.48
N LEU A 40 -15.11 10.64 2.17
CA LEU A 40 -14.05 10.70 1.18
C LEU A 40 -14.56 11.43 -0.08
N GLY A 41 -14.04 12.63 -0.37
CA GLY A 41 -13.61 13.58 0.64
C GLY A 41 -14.88 14.26 1.10
N GLY A 42 -15.87 14.34 0.20
CA GLY A 42 -17.21 14.89 0.49
C GLY A 42 -18.37 13.89 0.39
N LYS A 43 -18.06 12.61 0.25
CA LYS A 43 -19.10 11.61 0.29
C LYS A 43 -18.94 10.85 1.60
N PRO A 44 -19.99 10.89 2.47
CA PRO A 44 -19.96 10.07 3.70
C PRO A 44 -19.78 8.61 3.33
N VAL A 45 -19.01 7.88 4.12
CA VAL A 45 -18.89 6.45 3.91
C VAL A 45 -20.12 5.77 4.54
N GLU A 46 -20.98 5.25 3.68
CA GLU A 46 -22.24 4.62 4.09
C GLU A 46 -22.14 3.13 4.30
N LYS A 47 -21.16 2.51 3.64
CA LYS A 47 -20.96 1.07 3.68
C LYS A 47 -19.50 0.70 3.43
N PHE A 48 -19.02 -0.30 4.17
CA PHE A 48 -17.78 -1.03 3.83
C PHE A 48 -18.08 -2.46 3.45
N THR A 49 -17.51 -2.91 2.33
CA THR A 49 -17.36 -4.31 2.06
C THR A 49 -15.89 -4.63 2.34
N LEU A 50 -15.65 -5.54 3.28
CA LEU A 50 -14.27 -5.87 3.68
C LEU A 50 -14.01 -7.35 3.44
N ILE A 51 -13.10 -7.64 2.52
CA ILE A 51 -12.79 -9.02 2.14
C ILE A 51 -11.29 -9.32 2.30
N ASP A 52 -10.97 -10.49 2.86
CA ASP A 52 -9.57 -10.94 2.93
C ASP A 52 -9.63 -12.45 3.07
N VAL A 53 -8.52 -13.13 2.81
CA VAL A 53 -8.49 -14.60 3.02
C VAL A 53 -8.65 -14.95 4.49
N PHE A 54 -8.16 -14.06 5.34
CA PHE A 54 -8.42 -14.11 6.77
C PHE A 54 -9.56 -13.14 7.12
N GLN A 55 -10.54 -13.63 7.89
CA GLN A 55 -11.68 -12.80 8.33
C GLN A 55 -11.36 -11.38 8.82
N PRO A 56 -11.77 -10.35 8.05
CA PRO A 56 -11.62 -8.99 8.59
C PRO A 56 -12.61 -8.69 9.71
N GLU A 57 -12.16 -7.88 10.68
CA GLU A 57 -13.02 -7.37 11.75
C GLU A 57 -13.77 -6.13 11.31
N ALA A 58 -15.06 -6.05 11.65
CA ALA A 58 -15.83 -4.82 11.49
C ALA A 58 -15.15 -3.69 12.26
N PRO A 59 -14.95 -2.52 11.62
CA PRO A 59 -14.24 -1.43 12.30
C PRO A 59 -15.04 -0.88 13.47
N ALA A 60 -14.35 -0.57 14.56
CA ALA A 60 -14.97 0.03 15.76
C ALA A 60 -15.36 1.48 15.46
N GLY A 61 -16.47 1.91 16.06
CA GLY A 61 -16.98 3.27 15.89
C GLY A 61 -17.59 3.59 14.53
N PHE A 62 -17.91 2.57 13.74
CA PHE A 62 -18.55 2.79 12.46
C PHE A 62 -19.99 2.34 12.57
N SER A 63 -20.90 3.20 12.11
CA SER A 63 -22.33 2.99 12.32
C SER A 63 -23.07 2.61 11.03
N GLY A 64 -22.36 2.66 9.90
CA GLY A 64 -22.92 2.34 8.59
C GLY A 64 -23.02 0.84 8.29
N ALA A 65 -23.37 0.50 7.06
CA ALA A 65 -23.46 -0.90 6.62
C ALA A 65 -22.08 -1.55 6.55
N VAL A 66 -22.00 -2.80 6.98
CA VAL A 66 -20.74 -3.57 6.94
C VAL A 66 -21.00 -4.96 6.39
N ASP A 67 -20.20 -5.34 5.40
CA ASP A 67 -20.21 -6.68 4.85
C ASP A 67 -18.76 -7.15 4.92
N ALA A 68 -18.42 -7.81 6.03
CA ALA A 68 -17.05 -8.27 6.30
C ALA A 68 -17.02 -9.77 6.25
N ARG A 69 -16.23 -10.31 5.33
CA ARG A 69 -16.18 -11.76 5.15
C ARG A 69 -14.83 -12.24 4.65
N ALA A 70 -14.55 -13.53 4.92
CA ALA A 70 -13.36 -14.21 4.45
C ALA A 70 -13.67 -14.76 3.08
N ALA A 71 -12.87 -14.37 2.10
CA ALA A 71 -13.04 -14.80 0.72
C ALA A 71 -11.75 -14.60 -0.05
N ASP A 72 -11.62 -15.41 -1.10
CA ASP A 72 -10.49 -15.36 -2.00
C ASP A 72 -11.00 -14.86 -3.36
N LEU A 73 -10.53 -13.69 -3.76
CA LEU A 73 -10.90 -13.07 -5.03
C LEU A 73 -10.70 -14.02 -6.26
N SER A 74 -9.78 -14.96 -6.14
CA SER A 74 -9.48 -15.89 -7.25
C SER A 74 -10.48 -17.05 -7.35
N ALA A 75 -11.27 -17.23 -6.30
CA ALA A 75 -12.19 -18.38 -6.24
C ALA A 75 -13.42 -18.14 -7.13
N PRO A 76 -14.01 -19.22 -7.69
CA PRO A 76 -15.17 -19.08 -8.57
C PRO A 76 -16.30 -18.19 -8.04
N GLY A 77 -16.67 -17.21 -8.85
CA GLY A 77 -17.78 -16.33 -8.54
C GLY A 77 -17.54 -15.16 -7.58
N GLU A 78 -16.38 -15.14 -6.92
CA GLU A 78 -16.15 -14.12 -5.88
C GLU A 78 -16.04 -12.69 -6.44
N ALA A 79 -15.34 -12.55 -7.55
CA ALA A 79 -15.20 -11.25 -8.21
C ALA A 79 -16.58 -10.74 -8.61
N GLU A 80 -17.39 -11.61 -9.19
CA GLU A 80 -18.74 -11.24 -9.61
C GLU A 80 -19.60 -10.83 -8.44
N LYS A 81 -19.45 -11.56 -7.33
CA LYS A 81 -20.19 -11.28 -6.09
C LYS A 81 -19.86 -9.90 -5.54
N LEU A 82 -18.58 -9.53 -5.53
CA LEU A 82 -18.20 -8.18 -5.13
C LEU A 82 -18.79 -7.11 -6.06
N VAL A 83 -18.61 -7.30 -7.35
CA VAL A 83 -19.09 -6.34 -8.36
C VAL A 83 -20.62 -6.20 -8.34
N GLU A 84 -21.35 -7.27 -8.03
CA GLU A 84 -22.80 -7.16 -7.90
C GLU A 84 -23.25 -6.20 -6.79
N ALA A 85 -22.38 -6.00 -5.80
CA ALA A 85 -22.65 -5.07 -4.71
C ALA A 85 -22.31 -3.63 -5.10
N ARG A 86 -21.72 -3.45 -6.29
CA ARG A 86 -21.52 -2.13 -6.88
C ARG A 86 -20.84 -1.10 -5.96
N PRO A 87 -19.69 -1.47 -5.33
CA PRO A 87 -18.95 -0.47 -4.55
C PRO A 87 -18.48 0.70 -5.44
N ASP A 88 -18.53 1.91 -4.89
CA ASP A 88 -18.11 3.13 -5.59
C ASP A 88 -16.59 3.24 -5.73
N VAL A 89 -15.89 2.78 -4.70
CA VAL A 89 -14.42 2.76 -4.68
C VAL A 89 -13.98 1.38 -4.24
N ILE A 90 -13.04 0.82 -4.99
CA ILE A 90 -12.47 -0.48 -4.67
C ILE A 90 -10.97 -0.31 -4.44
N PHE A 91 -10.56 -0.58 -3.21
CA PHE A 91 -9.14 -0.66 -2.87
C PHE A 91 -8.70 -2.11 -2.99
N HIS A 92 -7.93 -2.42 -4.02
CA HIS A 92 -7.41 -3.77 -4.19
C HIS A 92 -6.01 -3.92 -3.62
N LEU A 93 -5.95 -4.44 -2.39
CA LEU A 93 -4.71 -4.50 -1.62
C LEU A 93 -4.17 -5.92 -1.47
N ALA A 94 -4.95 -6.91 -1.88
CA ALA A 94 -4.65 -8.31 -1.55
C ALA A 94 -3.60 -8.91 -2.51
N ALA A 95 -2.76 -9.77 -1.94
CA ALA A 95 -1.70 -10.45 -2.69
C ALA A 95 -1.11 -11.51 -1.78
N ILE A 96 -0.59 -12.60 -2.35
CA ILE A 96 0.26 -13.45 -1.52
C ILE A 96 1.65 -12.88 -1.69
N VAL A 97 2.36 -12.81 -0.57
CA VAL A 97 3.65 -12.16 -0.53
C VAL A 97 4.67 -12.88 -1.42
N SER A 98 5.71 -12.14 -1.80
CA SER A 98 6.71 -12.59 -2.75
C SER A 98 7.36 -13.92 -2.35
N GLY A 99 7.66 -14.07 -1.05
CA GLY A 99 8.32 -15.29 -0.58
C GLY A 99 7.49 -16.51 -0.91
N GLU A 100 6.19 -16.38 -0.71
CA GLU A 100 5.25 -17.44 -1.00
C GLU A 100 5.08 -17.65 -2.50
N ALA A 101 4.92 -16.55 -3.23
CA ALA A 101 4.78 -16.59 -4.69
C ALA A 101 6.00 -17.24 -5.36
N GLU A 102 7.18 -16.99 -4.82
CA GLU A 102 8.40 -17.56 -5.41
C GLU A 102 8.45 -19.09 -5.22
N LEU A 103 8.05 -19.56 -4.04
CA LEU A 103 8.07 -21.00 -3.74
C LEU A 103 6.89 -21.78 -4.31
N ASP A 104 5.80 -21.08 -4.60
CA ASP A 104 4.60 -21.72 -5.10
C ASP A 104 4.17 -20.99 -6.37
N PHE A 105 4.73 -21.41 -7.51
CA PHE A 105 4.46 -20.76 -8.78
C PHE A 105 2.95 -20.59 -9.03
N ASP A 106 2.20 -21.68 -8.89
CA ASP A 106 0.77 -21.67 -9.19
C ASP A 106 -0.02 -20.75 -8.31
N LYS A 107 0.30 -20.76 -7.03
CA LYS A 107 -0.51 -20.00 -6.08
C LYS A 107 -0.32 -18.50 -6.32
N GLY A 108 0.92 -18.08 -6.51
CA GLY A 108 1.21 -16.67 -6.81
C GLY A 108 0.48 -16.16 -8.05
N TYR A 109 0.57 -16.89 -9.16
CA TYR A 109 -0.12 -16.47 -10.37
C TYR A 109 -1.63 -16.47 -10.20
N ARG A 110 -2.15 -17.46 -9.50
CA ARG A 110 -3.59 -17.53 -9.24
C ARG A 110 -4.08 -16.31 -8.46
N ILE A 111 -3.41 -16.05 -7.33
CA ILE A 111 -3.88 -14.98 -6.42
C ILE A 111 -3.48 -13.57 -6.88
N ASN A 112 -2.24 -13.41 -7.32
CA ASN A 112 -1.74 -12.07 -7.66
C ASN A 112 -2.07 -11.59 -9.07
N LEU A 113 -2.24 -12.52 -10.00
CA LEU A 113 -2.60 -12.15 -11.37
C LEU A 113 -4.06 -12.50 -11.68
N ASP A 114 -4.39 -13.78 -11.65
CA ASP A 114 -5.70 -14.24 -12.10
C ASP A 114 -6.85 -13.59 -11.34
N GLY A 115 -6.73 -13.51 -10.02
CA GLY A 115 -7.76 -12.89 -9.17
C GLY A 115 -8.01 -11.43 -9.53
N THR A 116 -6.92 -10.71 -9.79
CA THR A 116 -7.00 -9.33 -10.27
C THR A 116 -7.67 -9.26 -11.63
N ARG A 117 -7.24 -10.11 -12.56
CA ARG A 117 -7.88 -10.19 -13.86
C ARG A 117 -9.38 -10.47 -13.72
N TYR A 118 -9.75 -11.44 -12.89
CA TYR A 118 -11.17 -11.74 -12.68
C TYR A 118 -11.96 -10.52 -12.18
N LEU A 119 -11.39 -9.78 -11.23
CA LEU A 119 -12.01 -8.55 -10.73
C LEU A 119 -12.18 -7.55 -11.87
N PHE A 120 -11.13 -7.31 -12.63
CA PHE A 120 -11.15 -6.32 -13.70
C PHE A 120 -12.19 -6.69 -14.77
N ASP A 121 -12.24 -7.98 -15.13
CA ASP A 121 -13.24 -8.44 -16.08
C ASP A 121 -14.67 -8.37 -15.54
N ALA A 122 -14.87 -8.66 -14.26
CA ALA A 122 -16.23 -8.56 -13.68
C ALA A 122 -16.71 -7.10 -13.73
N ILE A 123 -15.81 -6.16 -13.40
CA ILE A 123 -16.11 -4.73 -13.53
C ILE A 123 -16.43 -4.38 -14.99
N ARG A 124 -15.59 -4.84 -15.92
CA ARG A 124 -15.80 -4.56 -17.33
C ARG A 124 -17.21 -4.99 -17.78
N ILE A 125 -17.59 -6.21 -17.41
CA ILE A 125 -18.87 -6.76 -17.82
C ILE A 125 -20.03 -5.94 -17.25
N ALA A 126 -19.94 -5.59 -15.97
CA ALA A 126 -20.91 -4.68 -15.35
C ALA A 126 -20.94 -3.29 -16.02
N ASN A 127 -19.77 -2.77 -16.39
CA ASN A 127 -19.73 -1.47 -17.09
C ASN A 127 -20.55 -1.54 -18.39
N GLY A 128 -20.38 -2.64 -19.12
CA GLY A 128 -21.15 -2.88 -20.32
C GLY A 128 -22.65 -2.98 -20.07
N LYS A 129 -23.02 -3.59 -18.95
CA LYS A 129 -24.44 -3.81 -18.60
C LYS A 129 -25.16 -2.52 -18.22
N ASP A 130 -24.59 -1.78 -17.27
CA ASP A 130 -25.29 -0.64 -16.68
C ASP A 130 -24.46 0.61 -16.41
N GLY A 131 -23.28 0.68 -17.01
CA GLY A 131 -22.44 1.87 -16.90
C GLY A 131 -21.64 1.96 -15.61
N TYR A 132 -21.68 0.91 -14.80
CA TYR A 132 -20.87 0.83 -13.56
C TYR A 132 -19.42 1.18 -13.84
N LYS A 133 -18.90 2.21 -13.16
CA LYS A 133 -17.54 2.68 -13.44
C LYS A 133 -16.87 3.15 -12.15
N PRO A 134 -16.42 2.19 -11.32
CA PRO A 134 -15.88 2.54 -10.01
C PRO A 134 -14.48 3.15 -10.08
N ARG A 135 -14.11 3.84 -8.99
CA ARG A 135 -12.70 4.14 -8.74
C ARG A 135 -12.02 2.85 -8.26
N VAL A 136 -10.91 2.47 -8.90
CA VAL A 136 -10.15 1.29 -8.47
C VAL A 136 -8.74 1.73 -8.12
N VAL A 137 -8.38 1.59 -6.85
CA VAL A 137 -7.04 1.93 -6.38
C VAL A 137 -6.32 0.62 -6.08
N PHE A 138 -5.29 0.34 -6.89
CA PHE A 138 -4.55 -0.93 -6.80
C PHE A 138 -3.17 -0.72 -6.20
N THR A 139 -2.81 -1.51 -5.19
CA THR A 139 -1.44 -1.47 -4.67
C THR A 139 -0.51 -2.34 -5.53
N SER A 140 0.28 -1.67 -6.34
CA SER A 140 1.43 -2.29 -6.96
C SER A 140 2.60 -2.14 -5.95
N SER A 141 3.83 -2.18 -6.44
CA SER A 141 4.99 -2.27 -5.56
C SER A 141 6.23 -1.92 -6.35
N ILE A 142 7.24 -1.41 -5.63
CA ILE A 142 8.55 -1.24 -6.24
C ILE A 142 9.18 -2.57 -6.68
N ALA A 143 8.54 -3.69 -6.32
CA ALA A 143 8.98 -5.02 -6.78
C ALA A 143 8.87 -5.18 -8.30
N VAL A 144 8.18 -4.25 -8.97
CA VAL A 144 8.08 -4.27 -10.43
C VAL A 144 9.41 -3.94 -11.09
N PHE A 145 10.31 -3.37 -10.30
CA PHE A 145 11.66 -3.05 -10.78
C PHE A 145 12.66 -4.15 -10.44
N GLY A 146 13.60 -4.41 -11.36
CA GLY A 146 14.66 -5.37 -11.14
C GLY A 146 16.01 -4.86 -11.59
N ALA A 147 17.04 -5.31 -10.87
CA ALA A 147 18.43 -4.95 -11.11
C ALA A 147 18.87 -5.30 -12.52
N PRO A 148 19.82 -4.53 -13.09
CA PRO A 148 20.51 -3.35 -12.50
C PRO A 148 19.66 -2.05 -12.53
N LEU A 149 19.70 -1.32 -11.42
CA LEU A 149 18.87 -0.14 -11.28
C LEU A 149 19.72 1.08 -11.01
N PRO A 150 19.40 2.22 -11.66
CA PRO A 150 20.14 3.43 -11.33
C PRO A 150 19.68 3.96 -9.98
N TYR A 151 20.50 4.80 -9.35
CA TYR A 151 20.03 5.57 -8.21
C TYR A 151 20.18 7.08 -8.51
N PRO A 152 19.06 7.83 -8.55
CA PRO A 152 17.69 7.39 -8.38
C PRO A 152 17.02 6.87 -9.66
N ILE A 153 15.93 6.15 -9.49
CA ILE A 153 15.24 5.55 -10.62
C ILE A 153 14.25 6.59 -11.15
N PRO A 154 14.37 6.96 -12.44
CA PRO A 154 13.43 7.94 -13.04
C PRO A 154 12.04 7.37 -13.27
N ASP A 155 11.06 8.25 -13.44
CA ASP A 155 9.65 7.88 -13.65
C ASP A 155 9.46 6.97 -14.85
N GLU A 156 10.30 7.17 -15.88
CA GLU A 156 10.14 6.43 -17.13
C GLU A 156 10.91 5.12 -17.20
N PHE A 157 11.45 4.65 -16.07
CA PHE A 157 12.28 3.46 -16.06
C PHE A 157 11.42 2.20 -16.25
N HIS A 158 11.85 1.30 -17.14
CA HIS A 158 11.07 0.08 -17.43
C HIS A 158 10.94 -0.87 -16.25
N THR A 159 9.89 -1.67 -16.29
CA THR A 159 9.63 -2.68 -15.27
C THR A 159 10.20 -4.01 -15.74
N THR A 160 11.31 -4.43 -15.13
CA THR A 160 11.95 -5.72 -15.43
C THR A 160 12.14 -6.52 -14.14
N PRO A 161 11.02 -6.97 -13.54
CA PRO A 161 11.09 -7.62 -12.24
C PRO A 161 11.79 -8.97 -12.30
N LEU A 162 12.55 -9.27 -11.24
CA LEU A 162 13.22 -10.55 -11.14
C LEU A 162 12.55 -11.52 -10.13
N THR A 163 11.29 -11.27 -9.81
CA THR A 163 10.47 -12.17 -9.01
C THR A 163 9.14 -12.39 -9.72
N SER A 164 8.46 -13.50 -9.42
CA SER A 164 7.12 -13.72 -9.94
C SER A 164 6.13 -12.69 -9.38
N TYR A 165 6.31 -12.35 -8.10
CA TYR A 165 5.47 -11.32 -7.48
C TYR A 165 5.56 -10.00 -8.25
N GLY A 166 6.78 -9.56 -8.56
CA GLY A 166 6.98 -8.31 -9.29
C GLY A 166 6.41 -8.41 -10.70
N THR A 167 6.54 -9.59 -11.30
CA THR A 167 5.98 -9.86 -12.62
C THR A 167 4.46 -9.71 -12.58
N GLN A 168 3.83 -10.37 -11.61
CA GLN A 168 2.38 -10.30 -11.43
C GLN A 168 1.88 -8.86 -11.26
N LYS A 169 2.57 -8.08 -10.41
CA LYS A 169 2.21 -6.68 -10.21
C LYS A 169 2.36 -5.86 -11.50
N ALA A 170 3.44 -6.07 -12.23
CA ALA A 170 3.70 -5.33 -13.48
C ALA A 170 2.62 -5.65 -14.53
N ILE A 171 2.18 -6.90 -14.58
CA ILE A 171 1.12 -7.27 -15.50
C ILE A 171 -0.22 -6.63 -15.06
N CYS A 172 -0.52 -6.67 -13.77
CA CYS A 172 -1.75 -6.04 -13.25
C CYS A 172 -1.76 -4.53 -13.58
N GLU A 173 -0.61 -3.88 -13.43
CA GLU A 173 -0.47 -2.47 -13.83
C GLU A 173 -0.91 -2.22 -15.28
N LEU A 174 -0.42 -3.05 -16.20
CA LEU A 174 -0.73 -2.93 -17.63
C LEU A 174 -2.22 -3.14 -17.89
N LEU A 175 -2.81 -4.16 -17.24
CA LEU A 175 -4.24 -4.40 -17.36
C LEU A 175 -5.03 -3.19 -16.82
N LEU A 176 -4.59 -2.69 -15.68
CA LEU A 176 -5.24 -1.51 -15.06
C LEU A 176 -5.24 -0.31 -16.03
N SER A 177 -4.10 -0.01 -16.65
CA SER A 177 -4.08 1.12 -17.60
C SER A 177 -4.98 0.89 -18.82
N ASP A 178 -4.99 -0.33 -19.35
CA ASP A 178 -5.79 -0.62 -20.56
C ASP A 178 -7.30 -0.59 -20.28
N TYR A 179 -7.72 -1.22 -19.19
CA TYR A 179 -9.15 -1.18 -18.81
C TYR A 179 -9.62 0.24 -18.48
N SER A 180 -8.75 1.02 -17.85
CA SER A 180 -9.03 2.44 -17.57
C SER A 180 -9.19 3.24 -18.85
N ARG A 181 -8.28 3.04 -19.80
CA ARG A 181 -8.33 3.73 -21.09
C ARG A 181 -9.63 3.42 -21.83
N ARG A 182 -10.06 2.16 -21.77
CA ARG A 182 -11.25 1.71 -22.50
C ARG A 182 -12.54 2.08 -21.74
N GLY A 183 -12.34 2.71 -20.58
CA GLY A 183 -13.43 3.32 -19.81
C GLY A 183 -14.27 2.38 -18.95
N PHE A 184 -13.71 1.23 -18.58
CA PHE A 184 -14.43 0.26 -17.74
C PHE A 184 -14.43 0.64 -16.27
N PHE A 185 -13.34 1.27 -15.82
CA PHE A 185 -13.24 1.82 -14.47
C PHE A 185 -12.20 2.92 -14.44
N ASP A 186 -12.14 3.68 -13.34
CA ASP A 186 -11.12 4.70 -13.19
C ASP A 186 -10.01 4.15 -12.32
N GLY A 187 -8.98 3.59 -12.95
CA GLY A 187 -7.91 2.90 -12.21
C GLY A 187 -6.74 3.81 -11.89
N ILE A 188 -6.12 3.58 -10.73
CA ILE A 188 -4.89 4.25 -10.32
C ILE A 188 -4.03 3.18 -9.65
N GLY A 189 -2.80 3.00 -10.16
CA GLY A 189 -1.84 2.06 -9.57
C GLY A 189 -0.87 2.80 -8.66
N ILE A 190 -0.75 2.30 -7.44
CA ILE A 190 0.08 2.91 -6.39
C ILE A 190 1.26 1.97 -6.13
N ARG A 191 2.47 2.36 -6.54
CA ARG A 191 3.65 1.50 -6.33
C ARG A 191 4.23 1.80 -4.95
N LEU A 192 3.84 0.97 -3.97
CA LEU A 192 4.28 1.15 -2.59
C LEU A 192 5.79 0.91 -2.46
N PRO A 193 6.47 1.80 -1.71
CA PRO A 193 7.85 1.57 -1.31
C PRO A 193 7.85 0.47 -0.26
N THR A 194 9.03 0.09 0.23
CA THR A 194 9.08 -0.73 1.43
C THR A 194 8.41 0.03 2.58
N ILE A 195 7.55 -0.66 3.33
CA ILE A 195 6.92 -0.03 4.49
C ILE A 195 7.86 -0.14 5.66
N CYS A 196 8.27 1.01 6.19
CA CYS A 196 9.14 1.10 7.34
C CYS A 196 8.66 2.32 8.13
N ILE A 197 8.42 2.18 9.43
CA ILE A 197 8.60 0.95 10.20
C ILE A 197 7.33 0.07 10.17
N ARG A 198 7.45 -1.19 9.75
CA ARG A 198 6.34 -2.13 9.82
C ARG A 198 6.05 -2.50 11.28
N PRO A 199 4.81 -2.22 11.75
CA PRO A 199 4.44 -2.48 13.15
C PRO A 199 4.32 -3.98 13.41
N GLY A 200 4.43 -4.37 14.68
CA GLY A 200 4.09 -5.73 15.09
C GLY A 200 5.27 -6.58 15.52
N LYS A 201 5.47 -7.68 14.81
CA LYS A 201 6.47 -8.68 15.17
C LYS A 201 7.41 -8.94 13.99
N PRO A 202 8.69 -9.31 14.26
CA PRO A 202 9.61 -9.55 13.16
C PRO A 202 9.03 -10.54 12.15
N ASN A 203 8.80 -10.10 10.92
CA ASN A 203 8.43 -11.05 9.86
C ASN A 203 9.69 -11.62 9.23
N ALA A 204 9.59 -12.90 8.85
CA ALA A 204 10.76 -13.69 8.45
C ALA A 204 11.36 -13.32 7.09
N ALA A 205 10.69 -12.45 6.34
CA ALA A 205 11.22 -11.96 5.06
C ALA A 205 12.65 -11.48 5.28
N ALA A 206 13.55 -11.84 4.35
CA ALA A 206 14.98 -11.48 4.42
C ALA A 206 15.21 -10.00 4.72
N SER A 207 14.28 -9.18 4.23
CA SER A 207 14.33 -7.73 4.37
C SER A 207 13.71 -7.18 5.67
N GLY A 208 13.22 -8.07 6.54
CA GLY A 208 12.59 -7.63 7.80
C GLY A 208 13.47 -6.76 8.68
N PHE A 209 14.77 -6.94 8.57
CA PHE A 209 15.74 -6.19 9.37
C PHE A 209 15.58 -4.67 9.21
N PHE A 210 15.14 -4.21 8.04
CA PHE A 210 15.00 -2.76 7.83
C PHE A 210 14.09 -2.16 8.91
N SER A 211 13.02 -2.88 9.27
CA SER A 211 12.14 -2.47 10.37
C SER A 211 12.62 -2.97 11.73
N ASN A 212 13.09 -4.21 11.80
CA ASN A 212 13.50 -4.83 13.08
C ASN A 212 14.49 -3.96 13.84
N ILE A 213 15.49 -3.42 13.13
CA ILE A 213 16.57 -2.66 13.80
C ILE A 213 16.09 -1.32 14.40
N LEU A 214 14.87 -0.92 14.06
CA LEU A 214 14.27 0.25 14.70
C LEU A 214 13.15 -0.14 15.67
N ARG A 215 12.22 -0.97 15.21
CA ARG A 215 11.05 -1.35 16.01
C ARG A 215 11.44 -1.95 17.36
N GLU A 216 12.28 -2.98 17.36
CA GLU A 216 12.66 -3.65 18.61
C GLU A 216 13.44 -2.77 19.58
N PRO A 217 14.54 -2.11 19.12
CA PRO A 217 15.21 -1.18 20.02
C PRO A 217 14.34 -0.11 20.67
N LEU A 218 13.36 0.41 19.92
CA LEU A 218 12.44 1.42 20.47
C LEU A 218 11.61 0.91 21.64
N VAL A 219 11.41 -0.42 21.73
CA VAL A 219 10.78 -1.01 22.92
C VAL A 219 11.77 -1.84 23.77
N GLY A 220 13.04 -1.44 23.75
CA GLY A 220 14.06 -2.05 24.61
C GLY A 220 14.47 -3.48 24.27
N GLN A 221 14.13 -3.94 23.07
CA GLN A 221 14.45 -5.29 22.61
C GLN A 221 15.59 -5.28 21.60
N GLU A 222 16.31 -6.40 21.55
CA GLU A 222 17.45 -6.54 20.65
C GLU A 222 17.00 -6.86 19.23
N ALA A 223 17.86 -6.52 18.27
CA ALA A 223 17.59 -6.81 16.87
C ALA A 223 18.89 -7.09 16.17
N VAL A 224 18.82 -7.96 15.18
CA VAL A 224 19.99 -8.31 14.39
C VAL A 224 20.07 -7.42 13.14
N LEU A 225 21.26 -6.89 12.92
CA LEU A 225 21.61 -6.26 11.64
C LEU A 225 22.55 -7.19 10.87
N PRO A 226 22.05 -7.80 9.77
CA PRO A 226 22.77 -8.80 8.98
C PRO A 226 23.60 -8.24 7.80
N VAL A 227 23.55 -6.93 7.61
CA VAL A 227 24.18 -6.30 6.43
C VAL A 227 24.97 -5.06 6.86
N PRO A 228 25.87 -4.58 6.00
CA PRO A 228 26.69 -3.39 6.26
C PRO A 228 25.91 -2.08 6.23
N GLU A 229 26.47 -1.02 6.81
CA GLU A 229 25.78 0.27 6.91
C GLU A 229 25.53 1.00 5.59
N SER A 230 26.30 0.67 4.55
CA SER A 230 26.16 1.36 3.27
C SER A 230 24.92 0.94 2.49
N ILE A 231 24.29 -0.16 2.87
CA ILE A 231 23.12 -0.68 2.13
C ILE A 231 22.05 0.40 2.05
N ARG A 232 21.55 0.65 0.83
CA ARG A 232 20.62 1.74 0.55
C ARG A 232 19.28 1.16 0.11
N HIS A 233 18.18 1.67 0.67
CA HIS A 233 16.82 1.19 0.28
C HIS A 233 15.78 2.33 0.37
N TRP A 234 14.55 2.05 -0.05
CA TRP A 234 13.53 3.06 -0.35
C TRP A 234 12.28 2.74 0.46
N HIS A 235 11.87 3.71 1.28
CA HIS A 235 10.94 3.50 2.38
C HIS A 235 9.81 4.55 2.49
N ALA A 236 8.68 4.13 3.06
CA ALA A 236 7.65 5.08 3.55
C ALA A 236 6.94 4.44 4.76
N SER A 237 6.43 5.29 5.66
CA SER A 237 5.69 4.83 6.84
C SER A 237 4.34 4.23 6.47
N PRO A 238 3.76 3.43 7.39
CA PRO A 238 2.36 2.99 7.23
C PRO A 238 1.39 4.17 7.02
N ARG A 239 1.54 5.25 7.82
CA ARG A 239 0.74 6.48 7.63
C ARG A 239 0.78 6.99 6.20
N SER A 240 1.98 7.08 5.65
CA SER A 240 2.19 7.50 4.25
C SER A 240 1.53 6.56 3.25
N ALA A 241 1.71 5.26 3.46
CA ALA A 241 1.12 4.24 2.60
C ALA A 241 -0.39 4.45 2.53
N VAL A 242 -1.03 4.58 3.70
CA VAL A 242 -2.46 4.88 3.77
C VAL A 242 -2.80 6.20 3.07
N GLY A 243 -2.01 7.26 3.33
CA GLY A 243 -2.17 8.55 2.66
C GLY A 243 -2.16 8.43 1.14
N PHE A 244 -1.30 7.56 0.60
CA PHE A 244 -1.24 7.36 -0.87
C PHE A 244 -2.56 6.84 -1.41
N LEU A 245 -3.15 5.92 -0.64
CA LEU A 245 -4.43 5.31 -1.01
C LEU A 245 -5.60 6.28 -0.98
N ILE A 246 -5.70 7.06 0.09
CA ILE A 246 -6.70 8.12 0.20
C ILE A 246 -6.55 9.11 -0.96
N HIS A 247 -5.31 9.52 -1.23
CA HIS A 247 -5.08 10.49 -2.30
C HIS A 247 -5.43 9.93 -3.67
N GLY A 248 -5.02 8.67 -3.91
CA GLY A 248 -5.28 7.97 -5.17
C GLY A 248 -6.75 7.76 -5.46
N ALA A 249 -7.56 7.59 -4.39
CA ALA A 249 -9.01 7.44 -4.54
C ALA A 249 -9.70 8.70 -5.05
N ILE A 251 -7.95 11.58 -6.59
CA ILE A 251 -7.18 12.35 -7.58
C ILE A 251 -7.91 12.42 -8.94
N ASP A 252 -7.77 13.57 -9.59
CA ASP A 252 -8.37 13.76 -10.91
C ASP A 252 -7.63 12.89 -11.93
N VAL A 253 -8.30 11.88 -12.47
CA VAL A 253 -7.62 10.96 -13.39
C VAL A 253 -7.15 11.65 -14.66
N GLU A 254 -7.78 12.76 -15.02
CA GLU A 254 -7.34 13.55 -16.17
C GLU A 254 -5.98 14.20 -15.92
N LYS A 255 -5.69 14.55 -14.67
CA LYS A 255 -4.37 15.10 -14.30
C LYS A 255 -3.30 14.01 -14.35
N VAL A 256 -3.69 12.80 -13.97
CA VAL A 256 -2.77 11.67 -14.02
C VAL A 256 -2.50 11.30 -15.48
N GLY A 257 -3.54 11.30 -16.31
CA GLY A 257 -3.40 10.88 -17.70
C GLY A 257 -3.37 9.36 -17.84
N PRO A 258 -3.14 8.86 -19.05
CA PRO A 258 -3.25 7.41 -19.30
C PRO A 258 -2.20 6.52 -18.61
N ARG A 259 -1.07 7.09 -18.19
CA ARG A 259 -0.09 6.31 -17.43
C ARG A 259 -0.53 6.25 -15.98
N ARG A 260 -1.42 5.32 -15.66
CA ARG A 260 -2.09 5.32 -14.38
C ARG A 260 -1.27 4.74 -13.23
N ASN A 261 -0.11 4.14 -13.52
CA ASN A 261 0.70 3.51 -12.45
C ASN A 261 1.83 4.41 -12.03
N LEU A 262 1.84 4.78 -10.75
CA LEU A 262 2.68 5.87 -10.26
C LEU A 262 3.70 5.38 -9.24
N SER A 263 4.96 5.75 -9.45
CA SER A 263 5.98 5.53 -8.43
C SER A 263 5.77 6.49 -7.27
N PRO A 265 6.30 8.70 -3.80
CA PRO A 265 7.43 9.27 -3.09
C PRO A 265 7.76 8.41 -1.87
N GLY A 266 8.85 8.76 -1.21
CA GLY A 266 9.33 8.01 -0.09
C GLY A 266 10.72 8.56 0.18
N LEU A 267 11.53 7.77 0.88
CA LEU A 267 12.83 8.22 1.31
C LEU A 267 13.87 7.17 0.94
N SER A 268 14.93 7.58 0.23
CA SER A 268 16.09 6.72 0.07
C SER A 268 17.04 6.95 1.25
N ALA A 269 17.40 5.87 1.95
CA ALA A 269 18.29 6.00 3.09
C ALA A 269 19.20 4.79 3.22
N THR A 270 20.41 5.03 3.70
CA THR A 270 21.29 3.92 4.03
C THR A 270 20.91 3.36 5.41
N VAL A 271 21.38 2.14 5.67
CA VAL A 271 21.27 1.56 7.01
C VAL A 271 21.98 2.44 8.04
N GLY A 272 23.16 2.96 7.71
CA GLY A 272 23.86 3.90 8.59
C GLY A 272 22.98 5.09 8.99
N GLU A 273 22.24 5.62 8.02
CA GLU A 273 21.38 6.78 8.24
C GLU A 273 20.20 6.43 9.14
N GLN A 274 19.62 5.23 8.96
CA GLN A 274 18.60 4.70 9.88
C GLN A 274 19.07 4.66 11.34
N ILE A 275 20.28 4.13 11.52
CA ILE A 275 20.90 4.01 12.86
C ILE A 275 21.18 5.37 13.48
N GLU A 276 21.71 6.30 12.68
CA GLU A 276 21.99 7.64 13.17
C GLU A 276 20.69 8.34 13.62
N ALA A 277 19.61 8.13 12.86
CA ALA A 277 18.27 8.65 13.22
C ALA A 277 17.80 8.03 14.54
N LEU A 278 18.00 6.72 14.71
CA LEU A 278 17.69 6.06 15.97
C LEU A 278 18.52 6.63 17.12
N ARG A 279 19.79 6.90 16.88
CA ARG A 279 20.62 7.49 17.91
C ARG A 279 20.07 8.85 18.34
N LYS A 280 19.74 9.69 17.36
CA LYS A 280 19.26 11.06 17.58
C LYS A 280 17.94 11.07 18.35
N VAL A 281 17.04 10.14 17.98
CA VAL A 281 15.67 10.15 18.50
C VAL A 281 15.54 9.34 19.79
N ALA A 282 16.19 8.18 19.84
CA ALA A 282 16.04 7.26 20.95
C ALA A 282 17.30 7.11 21.83
N GLY A 283 18.46 7.51 21.30
CA GLY A 283 19.68 7.55 22.13
C GLY A 283 20.62 6.38 21.93
N GLU A 284 21.80 6.50 22.55
CA GLU A 284 22.85 5.48 22.44
C GLU A 284 22.40 4.11 22.92
N LYS A 285 21.64 4.07 24.00
CA LYS A 285 21.25 2.78 24.56
C LYS A 285 20.34 2.00 23.59
N ALA A 286 19.55 2.71 22.76
CA ALA A 286 18.72 2.03 21.76
C ALA A 286 19.59 1.44 20.66
N VAL A 287 20.54 2.23 20.19
CA VAL A 287 21.48 1.79 19.16
C VAL A 287 22.26 0.56 19.64
N ALA A 288 22.63 0.57 20.92
CA ALA A 288 23.32 -0.55 21.57
C ALA A 288 22.56 -1.88 21.50
N LEU A 289 21.25 -1.83 21.32
CA LEU A 289 20.45 -3.05 21.20
C LEU A 289 20.54 -3.75 19.84
N ILE A 290 21.17 -3.09 18.87
CA ILE A 290 21.39 -3.66 17.54
C ILE A 290 22.63 -4.54 17.55
N ARG A 291 22.46 -5.80 17.20
CA ARG A 291 23.58 -6.76 17.15
C ARG A 291 24.00 -6.95 15.70
N ARG A 292 25.24 -6.56 15.38
CA ARG A 292 25.72 -6.73 14.02
C ARG A 292 26.15 -8.19 13.85
N GLU A 293 25.34 -8.96 13.16
CA GLU A 293 25.67 -10.35 12.89
C GLU A 293 25.52 -10.62 11.39
N PRO A 294 26.65 -10.56 10.65
CA PRO A 294 26.59 -10.65 9.20
C PRO A 294 25.89 -11.92 8.75
N ASN A 295 25.10 -11.80 7.68
CA ASN A 295 24.46 -12.93 7.03
C ASN A 295 24.65 -12.75 5.54
N GLU A 296 25.55 -13.54 4.95
CA GLU A 296 25.92 -13.34 3.54
C GLU A 296 24.78 -13.60 2.55
N ILE A 298 21.50 -12.76 3.06
CA ILE A 298 20.72 -11.53 3.00
C ILE A 298 21.49 -10.44 2.23
N ARG A 300 23.69 -10.74 -0.18
CA ARG A 300 23.56 -11.01 -1.61
C ARG A 300 22.24 -10.50 -2.18
N CYS A 302 20.54 -7.83 -1.11
CA CYS A 302 20.51 -6.37 -1.08
C CYS A 302 20.66 -5.73 -2.46
N GLU A 303 21.43 -6.39 -3.32
CA GLU A 303 21.67 -5.96 -4.69
C GLU A 303 20.37 -5.82 -5.46
N GLY A 304 19.43 -6.71 -5.18
CA GLY A 304 18.15 -6.71 -5.90
C GLY A 304 17.06 -5.87 -5.25
N TRP A 305 17.40 -5.12 -4.20
CA TRP A 305 16.41 -4.23 -3.59
C TRP A 305 16.63 -2.81 -4.15
N ALA A 306 15.54 -2.12 -4.46
CA ALA A 306 15.62 -0.82 -5.16
C ALA A 306 16.27 0.23 -4.26
N PRO A 307 17.19 1.03 -4.82
CA PRO A 307 17.82 2.05 -3.96
C PRO A 307 16.97 3.27 -3.63
N GLY A 308 16.21 3.76 -4.62
CA GLY A 308 15.46 5.00 -4.47
C GLY A 308 14.91 5.50 -5.79
N PHE A 309 13.90 6.35 -5.72
CA PHE A 309 13.18 6.82 -6.90
C PHE A 309 13.18 8.32 -6.96
N GLU A 310 13.09 8.88 -8.16
CA GLU A 310 12.79 10.30 -8.32
C GLU A 310 11.37 10.67 -7.88
N ALA A 311 10.39 9.82 -8.20
CA ALA A 311 8.97 10.08 -7.90
C ALA A 311 8.48 11.48 -8.28
N LYS A 312 8.87 11.93 -9.46
CA LYS A 312 8.60 13.32 -9.87
C LYS A 312 7.11 13.58 -10.15
N ARG A 313 6.51 12.71 -10.97
CA ARG A 313 5.11 12.81 -11.32
C ARG A 313 4.23 12.74 -10.06
N ALA A 314 4.51 11.78 -9.17
CA ALA A 314 3.66 11.58 -7.99
C ALA A 314 3.72 12.80 -7.07
N ARG A 315 4.94 13.34 -6.88
CA ARG A 315 5.05 14.58 -6.09
C ARG A 315 4.35 15.77 -6.74
N GLU A 316 4.45 15.90 -8.06
CA GLU A 316 3.72 16.96 -8.76
C GLU A 316 2.20 16.80 -8.55
N LEU A 317 1.75 15.55 -8.45
CA LEU A 317 0.32 15.22 -8.33
C LEU A 317 -0.20 15.28 -6.90
N GLY A 318 0.68 15.58 -5.94
CA GLY A 318 0.26 15.85 -4.56
C GLY A 318 0.43 14.70 -3.58
N PHE A 319 1.02 13.59 -4.03
CA PHE A 319 1.39 12.50 -3.09
C PHE A 319 2.59 12.93 -2.27
N THR A 320 2.61 12.55 -1.00
CA THR A 320 3.66 12.96 -0.08
C THR A 320 4.11 11.79 0.79
N ALA A 321 5.36 11.84 1.26
CA ALA A 321 5.87 10.85 2.21
C ALA A 321 6.96 11.48 3.07
N GLU A 322 7.54 10.69 3.98
CA GLU A 322 8.60 11.21 4.86
C GLU A 322 9.86 11.57 4.08
N SER A 323 10.62 12.53 4.62
CA SER A 323 11.87 12.95 3.99
C SER A 323 13.11 12.71 4.88
N SER A 324 12.91 12.11 6.06
CA SER A 324 14.03 11.69 6.92
C SER A 324 13.63 10.49 7.76
N PHE A 325 14.63 9.74 8.25
CA PHE A 325 14.30 8.63 9.14
C PHE A 325 13.88 9.06 10.52
N GLU A 326 14.30 10.25 10.92
CA GLU A 326 13.75 10.85 12.13
C GLU A 326 12.23 10.94 12.01
N GLU A 327 11.73 11.40 10.86
CA GLU A 327 10.28 11.49 10.63
C GLU A 327 9.63 10.11 10.70
N ILE A 328 10.22 9.12 10.03
CA ILE A 328 9.69 7.75 10.06
C ILE A 328 9.60 7.22 11.49
N ILE A 329 10.63 7.51 12.28
CA ILE A 329 10.66 7.00 13.66
C ILE A 329 9.60 7.72 14.51
N GLN A 330 9.49 9.04 14.30
CA GLN A 330 8.47 9.85 14.99
C GLN A 330 7.05 9.36 14.70
N VAL A 331 6.80 8.98 13.45
CA VAL A 331 5.50 8.45 13.03
C VAL A 331 5.20 7.15 13.79
N HIS A 332 6.18 6.26 13.84
CA HIS A 332 6.06 5.00 14.58
C HIS A 332 5.76 5.24 16.07
N ILE A 333 6.51 6.16 16.70
CA ILE A 333 6.27 6.45 18.13
C ILE A 333 4.86 7.01 18.36
N GLU A 334 4.43 7.92 17.49
CA GLU A 334 3.12 8.55 17.61
C GLU A 334 1.99 7.54 17.37
N ASP A 335 2.14 6.74 16.32
CA ASP A 335 1.08 5.84 15.85
C ASP A 335 1.03 4.47 16.51
N GLU A 336 2.18 3.99 17.00
CA GLU A 336 2.23 2.64 17.57
C GLU A 336 2.54 2.63 19.06
N LEU A 337 3.30 3.62 19.52
CA LEU A 337 3.81 3.59 20.89
C LEU A 337 3.19 4.66 21.80
N GLY A 338 2.07 5.25 21.37
CA GLY A 338 1.36 6.24 22.21
C GLY A 338 2.09 7.57 22.41
N GLY A 339 3.01 7.90 21.50
CA GLY A 339 3.72 9.18 21.55
C GLY A 339 4.90 9.28 22.52
N SER A 340 5.22 8.16 23.18
CA SER A 340 6.22 8.17 24.23
C SER A 340 7.02 6.87 24.29
N LEU A 341 8.31 6.98 24.58
CA LEU A 341 9.11 5.80 24.91
C LEU A 341 9.21 5.65 26.43
N LYS A 342 8.35 6.39 27.14
CA LYS A 342 8.20 6.39 28.61
C LYS A 342 9.04 7.49 29.26
#